data_6O0P
#
_entry.id   6O0P
#
_cell.length_a   33.398
_cell.length_b   48.945
_cell.length_c   86.474
_cell.angle_alpha   90.00
_cell.angle_beta   90.00
_cell.angle_gamma   90.00
#
_symmetry.space_group_name_H-M   'P 21 21 21'
#
loop_
_entity.id
_entity.type
_entity.pdbx_description
1 polymer 'Apoptosis regulator Bcl-2,Bcl-2-like protein 1,Apoptosis regulator Bcl-2'
2 non-polymer "4-{4-[(4'-chloro-5,5-dimethyl[3,4,5,6-tetrahydro[1,1'-biphenyl]]-2-yl)methyl]piperazin-1-yl}-N-[(3-nitro-4-{[(oxan-4-yl )methyl]amino}phenyl)sulfonyl]-2-[(1H-pyrrolo[2,3-b]pyridin-5-yl)oxy]benzamide"
3 non-polymer DI(HYDROXYETHYL)ETHER
4 water water
#
_entity_poly.entity_id   1
_entity_poly.type   'polypeptide(L)'
_entity_poly.pdbx_seq_one_letter_code
;MAHAGRTGYDNREIVMKYIHYKLSQRGYEWDAGDDVEENRTEAPEGTESEVVHLTLRQAADDFSRRYRRDFAEMSSQLHL
TPFTARGRFATVVEELFRDGVNWGRIVAFFEFGGVMCVESVNREMSPLVDNIALWMTEYLNRHLHTWIQDNGGWDAFVEL
YGPSMR
;
_entity_poly.pdbx_strand_id   A
#
loop_
_chem_comp.id
_chem_comp.type
_chem_comp.name
_chem_comp.formula
LBM non-polymer '4-{4-[(4'-chloro-5,5-dimethyl[3,4,5,6-tetrahydro[1,1'-biphenyl]]-2-yl)methyl]piperazin-1-yl}-N-[(3-nitro-4-{[(oxan-4-yl )methyl]amino}phenyl)sulfonyl]-2-[(1H-pyrrolo[2,3-b]pyridin-5-yl)oxy]benzamide' 'C45 H50 Cl N7 O7 S'
PEG non-polymer DI(HYDROXYETHYL)ETHER 'C4 H10 O3'
#
# COMPACT_ATOMS: atom_id res chain seq x y z
N TYR A 9 3.91 -15.37 -7.51
CA TYR A 9 4.48 -14.30 -6.67
C TYR A 9 3.89 -14.35 -5.27
N ASP A 10 4.44 -13.54 -4.37
CA ASP A 10 4.15 -13.62 -2.94
C ASP A 10 3.59 -12.28 -2.47
N ASN A 11 2.28 -12.22 -2.22
CA ASN A 11 1.64 -10.96 -1.82
C ASN A 11 2.19 -10.44 -0.50
N ARG A 12 2.55 -11.33 0.42
CA ARG A 12 3.11 -10.88 1.69
C ARG A 12 4.46 -10.21 1.47
N GLU A 13 5.31 -10.80 0.62
CA GLU A 13 6.61 -10.20 0.35
C GLU A 13 6.45 -8.85 -0.35
N ILE A 14 5.53 -8.78 -1.31
CA ILE A 14 5.33 -7.52 -2.03
C ILE A 14 4.93 -6.41 -1.06
N VAL A 15 4.01 -6.72 -0.14
CA VAL A 15 3.57 -5.73 0.85
C VAL A 15 4.73 -5.35 1.78
N MET A 16 5.43 -6.36 2.29
CA MET A 16 6.53 -6.13 3.22
C MET A 16 7.61 -5.25 2.60
N LYS A 17 8.04 -5.58 1.39
CA LYS A 17 9.11 -4.82 0.76
C LYS A 17 8.66 -3.40 0.41
N TYR A 18 7.39 -3.22 0.05
CA TYR A 18 6.92 -1.88 -0.27
C TYR A 18 6.87 -1.00 0.98
N ILE A 19 6.27 -1.51 2.06
N ILE A 19 6.25 -1.50 2.06
CA ILE A 19 6.13 -0.70 3.27
CA ILE A 19 6.14 -0.72 3.27
C ILE A 19 7.51 -0.41 3.88
C ILE A 19 7.52 -0.40 3.84
N HIS A 20 8.42 -1.38 3.81
CA HIS A 20 9.78 -1.14 4.31
C HIS A 20 10.48 -0.06 3.49
N TYR A 21 10.32 -0.09 2.17
CA TYR A 21 10.93 0.93 1.32
C TYR A 21 10.36 2.31 1.64
N LYS A 22 9.04 2.43 1.68
CA LYS A 22 8.42 3.73 1.90
C LYS A 22 8.79 4.30 3.26
N LEU A 23 8.76 3.47 4.30
CA LEU A 23 9.06 3.95 5.64
C LEU A 23 10.54 4.28 5.79
N SER A 24 11.42 3.42 5.29
CA SER A 24 12.86 3.65 5.44
C SER A 24 13.29 4.91 4.68
N GLN A 25 12.69 5.13 3.51
CA GLN A 25 13.03 6.31 2.72
C GLN A 25 12.75 7.60 3.48
N ARG A 26 11.81 7.57 4.43
CA ARG A 26 11.40 8.75 5.16
C ARG A 26 11.85 8.71 6.61
N GLY A 27 12.79 7.84 6.95
CA GLY A 27 13.37 7.80 8.27
C GLY A 27 12.56 7.10 9.32
N TYR A 28 11.48 6.42 8.95
CA TYR A 28 10.68 5.67 9.91
C TYR A 28 11.20 4.25 10.03
N GLU A 29 11.18 3.72 11.25
CA GLU A 29 11.60 2.35 11.52
C GLU A 29 10.38 1.45 11.57
N TRP A 30 10.47 0.30 10.89
CA TRP A 30 9.49 -0.77 11.01
C TRP A 30 10.29 -2.06 11.19
N ASP A 31 10.36 -2.52 12.44
CA ASP A 31 11.22 -3.65 12.78
C ASP A 31 10.87 -4.89 11.98
N ALA A 32 9.57 -5.14 11.77
CA ALA A 32 9.15 -6.38 11.12
C ALA A 32 9.45 -6.38 9.61
N GLY A 33 9.65 -5.22 9.01
CA GLY A 33 10.00 -5.15 7.61
C GLY A 33 11.48 -5.18 7.33
N ASP A 34 12.31 -5.25 8.36
CA ASP A 34 13.76 -5.31 8.18
C ASP A 34 14.14 -6.49 7.29
N ASP A 35 14.99 -6.24 6.30
CA ASP A 35 15.44 -7.27 5.39
C ASP A 35 16.88 -7.68 5.70
N SER A 49 12.04 -12.05 -9.29
CA SER A 49 11.02 -11.70 -8.31
C SER A 49 11.13 -10.23 -7.91
N GLU A 50 12.36 -9.71 -7.92
CA GLU A 50 12.59 -8.35 -7.46
C GLU A 50 12.22 -7.29 -8.50
N VAL A 51 12.04 -7.68 -9.76
CA VAL A 51 11.59 -6.70 -10.75
C VAL A 51 10.16 -6.26 -10.45
N VAL A 52 9.37 -7.12 -9.80
CA VAL A 52 8.04 -6.71 -9.34
C VAL A 52 8.16 -5.65 -8.26
N HIS A 53 9.05 -5.89 -7.28
CA HIS A 53 9.24 -4.90 -6.22
C HIS A 53 9.75 -3.59 -6.78
N LEU A 54 10.71 -3.64 -7.71
CA LEU A 54 11.23 -2.42 -8.32
C LEU A 54 10.15 -1.71 -9.13
N THR A 55 9.34 -2.46 -9.88
CA THR A 55 8.28 -1.84 -10.68
C THR A 55 7.24 -1.18 -9.79
N LEU A 56 6.81 -1.87 -8.73
CA LEU A 56 5.84 -1.27 -7.81
C LEU A 56 6.41 -0.04 -7.13
N ARG A 57 7.69 -0.09 -6.72
CA ARG A 57 8.33 1.05 -6.10
C ARG A 57 8.28 2.28 -7.00
N GLN A 58 8.63 2.10 -8.28
CA GLN A 58 8.69 3.24 -9.18
C GLN A 58 7.30 3.72 -9.59
N ALA A 59 6.34 2.80 -9.75
CA ALA A 59 4.98 3.22 -10.04
C ALA A 59 4.40 4.00 -8.86
N ALA A 60 4.61 3.51 -7.64
CA ALA A 60 4.07 4.18 -6.47
C ALA A 60 4.69 5.57 -6.28
N ASP A 61 6.01 5.68 -6.46
CA ASP A 61 6.66 6.98 -6.36
C ASP A 61 6.14 7.93 -7.43
N ASP A 62 5.85 7.42 -8.62
CA ASP A 62 5.28 8.25 -9.68
C ASP A 62 3.87 8.69 -9.31
N PHE A 63 3.07 7.78 -8.77
CA PHE A 63 1.72 8.11 -8.30
C PHE A 63 1.78 9.22 -7.25
N SER A 64 2.69 9.07 -6.29
N SER A 64 2.69 9.07 -6.29
CA SER A 64 2.85 10.04 -5.22
CA SER A 64 2.85 10.04 -5.22
C SER A 64 3.19 11.42 -5.76
C SER A 64 3.20 11.42 -5.76
N ARG A 65 4.00 11.46 -6.81
CA ARG A 65 4.40 12.74 -7.40
C ARG A 65 3.26 13.36 -8.19
N ARG A 66 2.45 12.54 -8.86
CA ARG A 66 1.36 13.09 -9.64
C ARG A 66 0.19 13.54 -8.78
N TYR A 67 -0.01 12.89 -7.62
CA TYR A 67 -1.16 13.22 -6.78
C TYR A 67 -0.71 13.62 -5.37
N ARG A 68 0.31 14.47 -5.29
CA ARG A 68 0.81 14.93 -3.99
C ARG A 68 -0.28 15.60 -3.17
N ARG A 69 -1.16 16.37 -3.82
CA ARG A 69 -2.23 17.04 -3.09
C ARG A 69 -3.16 16.04 -2.43
N ASP A 70 -3.44 14.91 -3.11
CA ASP A 70 -4.22 13.85 -2.48
C ASP A 70 -3.43 13.17 -1.37
N PHE A 71 -2.13 12.95 -1.60
CA PHE A 71 -1.26 12.41 -0.55
C PHE A 71 -1.28 13.29 0.69
N ALA A 72 -1.34 14.61 0.50
CA ALA A 72 -1.31 15.54 1.62
C ALA A 72 -2.66 15.62 2.35
N GLU A 73 -3.77 15.67 1.61
CA GLU A 73 -5.07 15.73 2.26
C GLU A 73 -5.37 14.45 3.02
N MET A 74 -4.91 13.30 2.52
CA MET A 74 -5.13 12.04 3.22
C MET A 74 -4.37 12.00 4.54
N SER A 75 -3.09 12.41 4.52
CA SER A 75 -2.27 12.36 5.72
C SER A 75 -2.85 13.24 6.82
N SER A 76 -3.40 14.39 6.47
CA SER A 76 -3.84 15.37 7.45
C SER A 76 -5.22 15.09 8.02
N GLN A 77 -5.97 14.14 7.47
CA GLN A 77 -7.35 13.91 7.86
C GLN A 77 -7.63 12.50 8.38
N LEU A 78 -6.64 11.60 8.34
CA LEU A 78 -6.89 10.22 8.77
C LEU A 78 -7.36 10.17 10.22
N HIS A 79 -6.65 10.85 11.11
CA HIS A 79 -6.99 10.90 12.54
C HIS A 79 -7.13 9.49 13.12
N LEU A 80 -6.04 8.74 13.04
CA LEU A 80 -6.04 7.34 13.44
C LEU A 80 -6.01 7.20 14.96
N THR A 81 -6.71 6.18 15.45
CA THR A 81 -6.57 5.65 16.79
C THR A 81 -6.50 4.14 16.66
N PRO A 82 -5.98 3.45 17.67
CA PRO A 82 -5.86 1.98 17.55
C PRO A 82 -7.19 1.28 17.29
N PHE A 83 -8.29 1.83 17.79
CA PHE A 83 -9.59 1.19 17.67
C PHE A 83 -10.33 1.59 16.39
N THR A 84 -9.94 2.68 15.74
CA THR A 84 -10.56 3.11 14.51
C THR A 84 -9.74 2.79 13.27
N ALA A 85 -8.50 2.29 13.43
CA ALA A 85 -7.62 2.10 12.29
C ALA A 85 -8.22 1.15 11.26
N ARG A 86 -8.77 0.01 11.72
CA ARG A 86 -9.33 -0.97 10.80
C ARG A 86 -10.49 -0.37 10.02
N GLY A 87 -11.37 0.38 10.69
CA GLY A 87 -12.51 0.96 10.01
C GLY A 87 -12.11 2.04 9.02
N ARG A 88 -11.11 2.87 9.37
CA ARG A 88 -10.62 3.88 8.44
C ARG A 88 -10.03 3.23 7.20
N PHE A 89 -9.25 2.16 7.39
CA PHE A 89 -8.68 1.44 6.26
C PHE A 89 -9.78 0.86 5.36
N ALA A 90 -10.74 0.16 5.96
CA ALA A 90 -11.80 -0.46 5.18
C ALA A 90 -12.63 0.58 4.43
N THR A 91 -12.90 1.72 5.08
CA THR A 91 -13.74 2.75 4.46
C THR A 91 -13.08 3.33 3.22
N VAL A 92 -11.79 3.67 3.33
CA VAL A 92 -11.08 4.25 2.19
C VAL A 92 -10.92 3.24 1.07
N VAL A 93 -10.58 2.01 1.41
CA VAL A 93 -10.29 1.02 0.36
C VAL A 93 -11.56 0.63 -0.39
N GLU A 94 -12.70 0.56 0.31
CA GLU A 94 -13.96 0.33 -0.41
C GLU A 94 -14.24 1.46 -1.40
N GLU A 95 -14.04 2.72 -0.98
CA GLU A 95 -14.28 3.84 -1.88
C GLU A 95 -13.31 3.82 -3.06
N LEU A 96 -12.07 3.41 -2.82
CA LEU A 96 -11.07 3.37 -3.88
C LEU A 96 -11.48 2.41 -5.00
N PHE A 97 -12.06 1.26 -4.65
CA PHE A 97 -12.41 0.24 -5.63
C PHE A 97 -13.90 0.19 -5.92
N ARG A 98 -14.66 1.19 -5.47
CA ARG A 98 -16.12 1.14 -5.64
C ARG A 98 -16.53 1.09 -7.11
N ASP A 99 -15.75 1.72 -7.99
CA ASP A 99 -16.06 1.77 -9.41
C ASP A 99 -15.36 0.69 -10.22
N GLY A 100 -14.70 -0.25 -9.57
CA GLY A 100 -13.95 -1.29 -10.23
C GLY A 100 -12.46 -1.20 -9.91
N VAL A 101 -11.75 -2.25 -10.33
CA VAL A 101 -10.33 -2.39 -10.08
C VAL A 101 -9.57 -2.13 -11.37
N ASN A 102 -8.44 -1.43 -11.25
CA ASN A 102 -7.43 -1.40 -12.31
C ASN A 102 -6.08 -1.25 -11.63
N TRP A 103 -5.02 -1.34 -12.42
CA TRP A 103 -3.67 -1.35 -11.85
C TRP A 103 -3.37 -0.05 -11.11
N GLY A 104 -3.85 1.08 -11.64
CA GLY A 104 -3.60 2.36 -10.98
C GLY A 104 -4.26 2.46 -9.62
N ARG A 105 -5.47 1.92 -9.50
CA ARG A 105 -6.11 1.91 -8.19
C ARG A 105 -5.39 0.96 -7.24
N ILE A 106 -4.81 -0.12 -7.77
CA ILE A 106 -4.00 -1.00 -6.93
C ILE A 106 -2.74 -0.27 -6.46
N VAL A 107 -2.10 0.50 -7.33
CA VAL A 107 -0.94 1.29 -6.90
C VAL A 107 -1.36 2.32 -5.86
N ALA A 108 -2.51 2.98 -6.07
CA ALA A 108 -3.04 3.90 -5.08
C ALA A 108 -3.33 3.21 -3.76
N PHE A 109 -3.78 1.95 -3.81
CA PHE A 109 -4.01 1.15 -2.60
C PHE A 109 -2.72 0.95 -1.82
N PHE A 110 -1.62 0.69 -2.52
CA PHE A 110 -0.33 0.57 -1.83
C PHE A 110 0.11 1.90 -1.21
N GLU A 111 -0.05 3.00 -1.96
CA GLU A 111 0.35 4.29 -1.43
C GLU A 111 -0.50 4.69 -0.23
N PHE A 112 -1.79 4.34 -0.24
CA PHE A 112 -2.63 4.64 0.91
C PHE A 112 -2.18 3.83 2.13
N GLY A 113 -1.86 2.56 1.93
CA GLY A 113 -1.30 1.78 3.03
C GLY A 113 -0.05 2.42 3.60
N GLY A 114 0.82 2.95 2.72
CA GLY A 114 1.99 3.64 3.20
C GLY A 114 1.66 4.86 4.04
N VAL A 115 0.68 5.67 3.58
CA VAL A 115 0.25 6.83 4.35
C VAL A 115 -0.25 6.42 5.72
N MET A 116 -1.06 5.36 5.78
CA MET A 116 -1.55 4.84 7.05
C MET A 116 -0.39 4.49 7.98
N CYS A 117 0.65 3.85 7.44
CA CYS A 117 1.77 3.43 8.26
C CYS A 117 2.56 4.63 8.80
N VAL A 118 2.81 5.63 7.93
CA VAL A 118 3.52 6.83 8.37
C VAL A 118 2.71 7.57 9.43
N GLU A 119 1.40 7.71 9.20
CA GLU A 119 0.58 8.43 10.17
C GLU A 119 0.48 7.69 11.48
N SER A 120 0.56 6.35 11.45
CA SER A 120 0.54 5.57 12.68
C SER A 120 1.75 5.93 13.56
N VAL A 121 2.93 5.97 12.96
CA VAL A 121 4.12 6.31 13.73
C VAL A 121 4.08 7.77 14.19
N ASN A 122 3.62 8.68 13.32
CA ASN A 122 3.55 10.08 13.70
C ASN A 122 2.65 10.29 14.90
N ARG A 123 1.66 9.42 15.10
CA ARG A 123 0.76 9.49 16.24
C ARG A 123 1.12 8.49 17.34
N GLU A 124 2.38 8.01 17.35
CA GLU A 124 2.89 7.12 18.40
C GLU A 124 2.12 5.81 18.46
N MET A 125 1.81 5.24 17.30
CA MET A 125 1.10 3.98 17.22
C MET A 125 1.83 3.05 16.26
N SER A 126 3.15 2.97 16.41
CA SER A 126 3.96 2.09 15.57
C SER A 126 3.46 0.65 15.50
N PRO A 127 2.95 0.03 16.56
CA PRO A 127 2.42 -1.33 16.41
C PRO A 127 1.35 -1.45 15.33
N LEU A 128 0.64 -0.36 15.01
CA LEU A 128 -0.39 -0.42 13.98
C LEU A 128 0.19 -0.73 12.61
N VAL A 129 1.48 -0.51 12.39
CA VAL A 129 2.09 -0.83 11.09
C VAL A 129 1.99 -2.33 10.82
N ASP A 130 2.17 -3.16 11.85
CA ASP A 130 2.02 -4.59 11.67
C ASP A 130 0.59 -4.95 11.26
N ASN A 131 -0.40 -4.30 11.88
CA ASN A 131 -1.78 -4.56 11.51
C ASN A 131 -2.07 -4.12 10.09
N ILE A 132 -1.60 -2.93 9.71
CA ILE A 132 -1.89 -2.41 8.37
C ILE A 132 -1.29 -3.31 7.30
N ALA A 133 -0.04 -3.76 7.51
CA ALA A 133 0.58 -4.69 6.55
C ALA A 133 -0.23 -5.98 6.44
N LEU A 134 -0.74 -6.48 7.57
CA LEU A 134 -1.60 -7.65 7.55
C LEU A 134 -2.87 -7.38 6.74
N TRP A 135 -3.54 -6.24 7.00
CA TRP A 135 -4.75 -5.93 6.27
C TRP A 135 -4.49 -5.81 4.77
N MET A 136 -3.38 -5.16 4.39
CA MET A 136 -3.04 -5.06 2.98
C MET A 136 -2.84 -6.43 2.34
N THR A 137 -2.16 -7.33 3.05
CA THR A 137 -1.93 -8.67 2.52
C THR A 137 -3.24 -9.45 2.38
N GLU A 138 -4.09 -9.40 3.42
CA GLU A 138 -5.38 -10.09 3.35
C GLU A 138 -6.23 -9.55 2.21
N TYR A 139 -6.07 -8.27 1.91
CA TYR A 139 -6.84 -7.64 0.85
C TYR A 139 -6.41 -8.17 -0.52
N LEU A 140 -5.10 -8.22 -0.76
CA LEU A 140 -4.60 -8.84 -1.99
C LEU A 140 -4.95 -10.32 -2.06
N ASN A 141 -4.89 -11.01 -0.94
CA ASN A 141 -5.07 -12.46 -0.95
C ASN A 141 -6.53 -12.86 -1.19
N ARG A 142 -7.48 -12.02 -0.77
CA ARG A 142 -8.89 -12.39 -0.79
C ARG A 142 -9.74 -11.49 -1.66
N HIS A 143 -9.62 -10.17 -1.51
CA HIS A 143 -10.51 -9.27 -2.23
C HIS A 143 -10.04 -9.05 -3.66
N LEU A 144 -8.74 -8.84 -3.86
CA LEU A 144 -8.19 -8.48 -5.16
C LEU A 144 -7.61 -9.66 -5.92
N HIS A 145 -7.56 -10.85 -5.31
CA HIS A 145 -6.82 -11.97 -5.89
C HIS A 145 -7.35 -12.35 -7.27
N THR A 146 -8.66 -12.55 -7.38
CA THR A 146 -9.21 -13.02 -8.65
C THR A 146 -8.98 -12.01 -9.78
N TRP A 147 -9.15 -10.73 -9.50
CA TRP A 147 -8.92 -9.73 -10.53
C TRP A 147 -7.46 -9.73 -10.98
N ILE A 148 -6.53 -9.81 -10.02
CA ILE A 148 -5.11 -9.75 -10.36
C ILE A 148 -4.72 -10.96 -11.21
N GLN A 149 -5.13 -12.16 -10.78
CA GLN A 149 -4.84 -13.37 -11.55
C GLN A 149 -5.46 -13.30 -12.95
N ASP A 150 -6.72 -12.92 -13.03
CA ASP A 150 -7.44 -12.97 -14.30
C ASP A 150 -6.98 -11.91 -15.28
N ASN A 151 -6.33 -10.85 -14.79
CA ASN A 151 -5.79 -9.81 -15.64
C ASN A 151 -4.29 -9.96 -15.86
N GLY A 152 -3.74 -11.15 -15.61
CA GLY A 152 -2.38 -11.47 -16.00
C GLY A 152 -1.39 -11.48 -14.86
N GLY A 153 -1.82 -11.27 -13.63
CA GLY A 153 -0.93 -11.32 -12.49
C GLY A 153 0.06 -10.17 -12.48
N TRP A 154 0.99 -10.25 -11.53
CA TRP A 154 2.03 -9.23 -11.43
C TRP A 154 2.93 -9.22 -12.65
N ASP A 155 2.99 -10.31 -13.40
N ASP A 155 3.02 -10.33 -13.39
CA ASP A 155 3.81 -10.32 -14.62
CA ASP A 155 3.77 -10.35 -14.63
C ASP A 155 3.24 -9.35 -15.66
C ASP A 155 3.23 -9.32 -15.61
N ALA A 156 1.91 -9.28 -15.77
CA ALA A 156 1.31 -8.31 -16.68
C ALA A 156 1.57 -6.87 -16.20
N PHE A 157 1.47 -6.65 -14.89
CA PHE A 157 1.79 -5.33 -14.33
C PHE A 157 3.21 -4.92 -14.68
N VAL A 158 4.16 -5.86 -14.59
CA VAL A 158 5.55 -5.53 -14.92
C VAL A 158 5.69 -5.24 -16.41
N GLU A 159 5.03 -6.02 -17.26
CA GLU A 159 5.14 -5.77 -18.70
C GLU A 159 4.51 -4.44 -19.08
N LEU A 160 3.44 -4.05 -18.40
CA LEU A 160 2.78 -2.79 -18.75
C LEU A 160 3.56 -1.59 -18.25
N TYR A 161 4.06 -1.62 -17.02
CA TYR A 161 4.61 -0.42 -16.39
C TYR A 161 6.06 -0.57 -15.93
N GLY A 162 6.70 -1.71 -16.17
CA GLY A 162 8.07 -1.90 -15.72
C GLY A 162 9.11 -1.24 -16.61
C11 LBM B . -4.40 9.30 -1.23
C12 LBM B . -5.71 9.43 -1.65
C13 LBM B . -6.95 9.59 -4.87
C14 LBM B . -7.03 7.63 -6.28
C15 LBM B . -7.21 7.11 -7.71
C16 LBM B . -6.25 9.18 -8.53
C17 LBM B . -6.07 9.65 -7.11
C19 LBM B . -4.95 7.71 -10.65
C20 LBM B . -4.63 7.12 -11.86
C22 LBM B . -6.22 5.39 -11.45
C23 LBM B . -6.54 5.97 -10.24
C24 LBM B . -4.93 5.28 -13.59
C25 LBM B . -2.57 3.28 -14.71
C26 LBM B . -1.81 2.46 -13.90
C28 LBM B . 0.19 3.75 -14.46
C29 LBM B . -0.63 4.55 -15.27
C31 LBM B . 2.23 5.08 -15.05
N LBM B . -7.11 9.09 -6.24
C LBM B . -11.12 8.27 -1.02
O LBM B . -4.59 5.92 -14.57
C1 LBM B . -10.22 8.13 -2.26
C10 LBM B . -3.71 8.13 -1.49
C18 LBM B . -5.91 7.13 -9.82
C2 LBM B . -10.38 9.35 -3.16
C21 LBM B . -5.25 5.95 -12.29
C27 LBM B . -0.46 2.69 -13.77
C3 LBM B . -9.49 9.29 -4.40
C30 LBM B . -1.98 4.32 -15.40
C32 LBM B . 3.69 4.73 -15.15
C33 LBM B . 4.49 5.81 -15.85
C34 LBM B . 5.96 5.46 -15.86
C35 LBM B . 5.77 4.20 -13.90
C36 LBM B . 4.30 4.48 -13.77
C37 LBM B . -2.33 7.32 -12.52
C38 LBM B . -1.33 8.08 -13.10
C39 LBM B . 0.30 6.74 -12.22
C4 LBM B . -8.06 9.10 -3.98
C40 LBM B . -0.65 5.89 -11.59
C41 LBM B . -2.00 6.21 -11.76
C42 LBM B . 0.10 4.88 -10.90
C43 LBM B . 1.42 5.16 -11.11
C44 LBM B . -10.60 6.86 -3.02
C5 LBM B . -7.73 8.53 -2.79
C6 LBM B . -8.75 8.04 -1.81
C7 LBM B . -6.32 8.41 -2.34
C8 LBM B . -5.62 7.24 -2.62
C9 LBM B . -4.31 7.11 -2.19
N1 LBM B . -6.21 7.72 -8.59
N2 LBM B . -4.96 3.90 -13.60
N3 LBM B . 1.53 4.00 -14.36
N4 LBM B . 0.27 1.80 -12.88
N5 LBM B . -0.03 7.82 -12.95
N6 LBM B . 1.55 6.28 -11.92
O1 LBM B . -4.77 3.56 -16.06
O2 LBM B . -4.56 1.63 -14.51
O3 LBM B . 6.45 5.28 -14.53
O4 LBM B . 1.47 1.93 -12.76
O5 LBM B . -0.37 0.94 -12.27
O6 LBM B . -3.67 7.69 -12.68
S LBM B . -4.30 3.01 -14.82
CL LBM B . -2.06 7.96 -0.94
C1 PEG C . 0.08 -8.28 13.94
O1 PEG C . -1.26 -8.73 13.80
C2 PEG C . 0.91 -8.61 12.74
O2 PEG C . 1.05 -10.02 12.63
C3 PEG C . 1.92 -10.40 11.58
C4 PEG C . 1.41 -11.64 10.91
O4 PEG C . 2.01 -11.84 9.65
C1 PEG D . 1.69 -9.42 7.08
O1 PEG D . 1.61 -10.71 7.68
C2 PEG D . 3.00 -9.22 6.36
O2 PEG D . 4.06 -9.20 7.29
C3 PEG D . 5.34 -9.17 6.68
C4 PEG D . 6.41 -9.05 7.73
O4 PEG D . 6.39 -10.13 8.63
C1 PEG E . -1.49 6.98 -19.09
O1 PEG E . -1.30 7.99 -20.07
C2 PEG E . -0.38 6.97 -18.08
O2 PEG E . -0.29 8.24 -17.46
C3 PEG E . 1.03 8.60 -17.09
C4 PEG E . 1.91 8.59 -18.31
O4 PEG E . 3.21 9.07 -18.03
#